data_3F8T
#
_entry.id   3F8T
#
_cell.length_a   42.841
_cell.length_b   95.417
_cell.length_c   125.374
_cell.angle_alpha   90.000
_cell.angle_beta   90.000
_cell.angle_gamma   90.000
#
_symmetry.space_group_name_H-M   'P 21 21 21'
#
loop_
_entity.id
_entity.type
_entity.pdbx_description
1 polymer 'Predicted ATPase involved in replication control, Cdc46/Mcm family'
2 water water
#
_entity_poly.entity_id   1
_entity_poly.type   'polypeptide(L)'
_entity_poly.pdbx_seq_one_letter_code
;MFRLGTTPRATTYDPDARIGEVASRFGLPTRVLIEIVRTESFQRSLARVTSGKPVVLDLRELDSDLASWIATHARLVEPA
LRELVRTVAPDVEPRVRFRGLPHRFRRVERIRPMDGALISIEGVVREVRGAERLEHAIVDTGSELVAVRLHGHRLGPGLR
VEILGIVRSATLDALEVHKKDPIPEVHPDPAELEEFRELADKDPLTTFARAIAPLPGAEEVGKMLALQLFSCVGKNSERL
HVLLAGYPVVCSEILHHVLDHLAPRGVYVDLRRTELTDLTAVLKEDRGWALRAGAAVLADGGILAVDHLEGAPEPHRWAL
MEAMDKGTVTVDGIALNARCAVLAAINPGEQWPSDPPIARIDLDQDFLSHFDLIAFLGVDPRPGEPEEQDTEVPSYTLLR
RYLLYAIREHPAPELTEEARKRLEHWYETRREEVEERLGMGLPTLPVTRRQLESVERLAKAHARMRLSDDVEPEDVDIAA
ELVDWYLETAMQIPGGDEIRISSLKP
;
_entity_poly.pdbx_strand_id   A
#
# COMPACT_ATOMS: atom_id res chain seq x y z
N ARG A 18 -43.96 -21.67 4.50
CA ARG A 18 -43.53 -23.10 4.59
C ARG A 18 -42.20 -23.30 3.87
N ILE A 19 -41.25 -23.87 4.59
CA ILE A 19 -39.87 -23.97 4.12
C ILE A 19 -39.76 -24.87 2.87
N GLY A 20 -40.38 -26.05 2.93
CA GLY A 20 -40.40 -27.00 1.81
C GLY A 20 -40.90 -26.39 0.51
N GLU A 21 -41.97 -25.61 0.59
CA GLU A 21 -42.49 -24.91 -0.57
C GLU A 21 -41.48 -23.91 -1.14
N VAL A 22 -40.84 -23.13 -0.27
CA VAL A 22 -39.84 -22.17 -0.72
C VAL A 22 -38.69 -22.90 -1.39
N ALA A 23 -38.18 -23.96 -0.75
CA ALA A 23 -37.07 -24.75 -1.29
C ALA A 23 -37.39 -25.26 -2.70
N SER A 24 -38.58 -25.86 -2.84
CA SER A 24 -39.03 -26.41 -4.12
C SER A 24 -39.07 -25.34 -5.20
N ARG A 25 -39.65 -24.19 -4.84
CA ARG A 25 -39.76 -23.00 -5.69
C ARG A 25 -38.42 -22.52 -6.25
N PHE A 26 -37.36 -22.67 -5.45
CA PHE A 26 -36.04 -22.16 -5.81
C PHE A 26 -35.06 -23.26 -6.21
N GLY A 27 -35.58 -24.48 -6.36
CA GLY A 27 -34.80 -25.62 -6.82
C GLY A 27 -33.76 -26.10 -5.83
N LEU A 28 -34.09 -25.98 -4.54
CA LEU A 28 -33.22 -26.41 -3.44
C LEU A 28 -33.77 -27.64 -2.74
N PRO A 29 -32.88 -28.59 -2.36
CA PRO A 29 -33.33 -29.67 -1.48
C PRO A 29 -33.88 -29.04 -0.23
N THR A 30 -35.04 -29.51 0.23
CA THR A 30 -35.66 -28.98 1.44
C THR A 30 -34.70 -28.93 2.65
N ARG A 31 -33.89 -29.97 2.83
CA ARG A 31 -32.96 -30.02 3.97
C ARG A 31 -31.97 -28.83 4.01
N VAL A 32 -31.53 -28.37 2.83
CA VAL A 32 -30.67 -27.18 2.75
C VAL A 32 -31.31 -26.03 3.49
N LEU A 33 -32.57 -25.72 3.18
CA LEU A 33 -33.25 -24.59 3.82
C LEU A 33 -33.62 -24.83 5.28
N ILE A 34 -34.06 -26.05 5.60
CA ILE A 34 -34.32 -26.41 6.99
C ILE A 34 -33.05 -26.24 7.85
N GLU A 35 -31.92 -26.75 7.39
CA GLU A 35 -30.70 -26.62 8.18
C GLU A 35 -30.24 -25.18 8.33
N ILE A 36 -30.45 -24.38 7.28
CA ILE A 36 -30.13 -22.94 7.31
C ILE A 36 -30.93 -22.18 8.38
N VAL A 37 -32.24 -22.38 8.36
CA VAL A 37 -33.13 -21.67 9.28
C VAL A 37 -32.94 -22.08 10.74
N ARG A 38 -32.42 -23.29 10.97
CA ARG A 38 -32.14 -23.77 12.32
C ARG A 38 -30.91 -23.13 12.96
N THR A 39 -30.06 -22.49 12.15
CA THR A 39 -28.82 -21.90 12.67
C THR A 39 -29.10 -20.73 13.61
N GLU A 40 -28.24 -20.55 14.60
CA GLU A 40 -28.38 -19.43 15.55
C GLU A 40 -28.28 -18.09 14.84
N SER A 41 -27.28 -17.95 13.96
CA SER A 41 -27.07 -16.73 13.16
C SER A 41 -28.35 -16.29 12.47
N PHE A 42 -29.00 -17.25 11.81
CA PHE A 42 -30.19 -16.97 11.04
C PHE A 42 -31.38 -16.58 11.90
N GLN A 43 -31.67 -17.39 12.93
CA GLN A 43 -32.80 -17.16 13.84
C GLN A 43 -32.72 -15.80 14.54
N ARG A 44 -31.54 -15.45 15.05
CA ARG A 44 -31.31 -14.18 15.76
C ARG A 44 -31.47 -12.96 14.86
N SER A 45 -30.85 -13.01 13.67
CA SER A 45 -30.96 -11.92 12.72
C SER A 45 -32.36 -11.81 12.12
N LEU A 46 -33.03 -12.95 11.91
CA LEU A 46 -34.40 -12.92 11.39
C LEU A 46 -35.33 -12.17 12.34
N ALA A 47 -35.07 -12.32 13.65
CA ALA A 47 -35.84 -11.63 14.68
C ALA A 47 -35.57 -10.12 14.71
N ARG A 48 -34.40 -9.73 14.20
CA ARG A 48 -33.93 -8.34 14.23
C ARG A 48 -34.15 -7.61 12.91
N VAL A 49 -34.96 -8.16 12.01
CA VAL A 49 -35.05 -7.66 10.62
C VAL A 49 -35.72 -6.30 10.46
N THR A 50 -36.58 -5.95 11.41
CA THR A 50 -37.24 -4.65 11.39
C THR A 50 -36.23 -3.52 11.61
N SER A 51 -35.22 -3.76 12.44
CA SER A 51 -34.09 -2.83 12.63
C SER A 51 -33.29 -2.56 11.37
N GLY A 52 -33.73 -3.13 10.24
CA GLY A 52 -33.07 -2.93 8.96
C GLY A 52 -31.81 -3.76 8.74
N LYS A 53 -31.36 -4.46 9.79
CA LYS A 53 -30.15 -5.30 9.72
C LYS A 53 -30.39 -6.50 8.80
N PRO A 54 -29.37 -6.89 8.02
CA PRO A 54 -29.58 -8.02 7.11
C PRO A 54 -29.72 -9.33 7.87
N VAL A 55 -30.40 -10.29 7.26
CA VAL A 55 -30.43 -11.64 7.82
C VAL A 55 -29.07 -12.25 7.52
N VAL A 56 -28.51 -12.95 8.49
CA VAL A 56 -27.13 -13.43 8.40
C VAL A 56 -27.08 -14.95 8.49
N LEU A 57 -26.38 -15.57 7.54
CA LEU A 57 -26.09 -17.00 7.64
C LEU A 57 -24.61 -17.19 7.87
N ASP A 58 -24.25 -17.71 9.04
CA ASP A 58 -22.88 -18.05 9.34
C ASP A 58 -22.68 -19.52 8.98
N LEU A 59 -21.95 -19.74 7.89
CA LEU A 59 -21.73 -21.06 7.31
C LEU A 59 -21.00 -22.04 8.21
N ARG A 60 -20.25 -21.53 9.20
CA ARG A 60 -19.55 -22.40 10.16
C ARG A 60 -20.54 -23.09 11.08
N GLU A 61 -21.77 -22.60 11.10
CA GLU A 61 -22.83 -23.16 11.95
C GLU A 61 -23.48 -24.37 11.28
N LEU A 62 -22.99 -24.72 10.09
CA LEU A 62 -23.47 -25.86 9.30
C LEU A 62 -22.39 -26.91 9.04
N ASP A 63 -22.83 -28.14 8.73
CA ASP A 63 -21.97 -29.19 8.21
C ASP A 63 -21.06 -28.64 7.11
N SER A 64 -19.78 -29.00 7.16
CA SER A 64 -18.77 -28.45 6.26
C SER A 64 -19.06 -28.68 4.79
N ASP A 65 -19.54 -29.87 4.48
CA ASP A 65 -19.91 -30.19 3.09
C ASP A 65 -21.14 -29.38 2.65
N LEU A 66 -22.07 -29.16 3.58
CA LEU A 66 -23.22 -28.29 3.29
C LEU A 66 -22.79 -26.84 3.11
N ALA A 67 -21.90 -26.35 3.99
CA ALA A 67 -21.36 -25.00 3.90
C ALA A 67 -20.76 -24.81 2.49
N SER A 68 -19.98 -25.79 2.07
CA SER A 68 -19.34 -25.79 0.77
C SER A 68 -20.38 -25.77 -0.36
N TRP A 69 -21.41 -26.61 -0.27
CA TRP A 69 -22.45 -26.70 -1.29
C TRP A 69 -23.17 -25.36 -1.42
N ILE A 70 -23.44 -24.74 -0.27
CA ILE A 70 -24.15 -23.47 -0.24
C ILE A 70 -23.34 -22.39 -0.93
N ALA A 71 -22.05 -22.32 -0.63
CA ALA A 71 -21.15 -21.34 -1.26
C ALA A 71 -21.11 -21.57 -2.76
N THR A 72 -20.96 -22.83 -3.18
CA THR A 72 -20.96 -23.16 -4.60
C THR A 72 -22.25 -22.74 -5.31
N HIS A 73 -23.39 -22.90 -4.64
CA HIS A 73 -24.70 -22.63 -5.21
C HIS A 73 -25.39 -21.38 -4.64
N ALA A 74 -24.61 -20.39 -4.25
CA ALA A 74 -25.17 -19.21 -3.59
C ALA A 74 -26.20 -18.44 -4.43
N ARG A 75 -26.06 -18.52 -5.75
CA ARG A 75 -26.96 -17.82 -6.66
C ARG A 75 -28.40 -18.34 -6.51
N LEU A 76 -28.52 -19.60 -6.08
CA LEU A 76 -29.82 -20.23 -5.76
C LEU A 76 -30.31 -19.96 -4.35
N VAL A 77 -29.37 -19.99 -3.40
CA VAL A 77 -29.69 -19.87 -1.96
C VAL A 77 -30.06 -18.45 -1.57
N GLU A 78 -29.26 -17.48 -2.02
CA GLU A 78 -29.50 -16.09 -1.64
C GLU A 78 -30.94 -15.59 -1.93
N PRO A 79 -31.46 -15.75 -3.17
CA PRO A 79 -32.86 -15.31 -3.37
C PRO A 79 -33.90 -16.11 -2.57
N ALA A 80 -33.61 -17.38 -2.28
CA ALA A 80 -34.51 -18.19 -1.42
C ALA A 80 -34.60 -17.58 -0.03
N LEU A 81 -33.44 -17.24 0.52
CA LEU A 81 -33.36 -16.58 1.82
C LEU A 81 -34.04 -15.22 1.79
N ARG A 82 -33.79 -14.42 0.76
CA ARG A 82 -34.51 -13.15 0.62
C ARG A 82 -36.04 -13.35 0.65
N GLU A 83 -36.50 -14.38 -0.05
CA GLU A 83 -37.93 -14.72 -0.07
C GLU A 83 -38.47 -15.09 1.32
N LEU A 84 -37.74 -15.94 2.05
CA LEU A 84 -38.07 -16.23 3.44
C LEU A 84 -38.18 -14.97 4.31
N VAL A 85 -37.23 -14.05 4.18
CA VAL A 85 -37.28 -12.82 4.98
C VAL A 85 -38.39 -11.87 4.51
N ARG A 86 -38.72 -11.93 3.22
CA ARG A 86 -39.80 -11.12 2.63
C ARG A 86 -41.15 -11.50 3.24
N THR A 87 -41.32 -12.79 3.51
CA THR A 87 -42.50 -13.29 4.21
C THR A 87 -42.63 -12.70 5.62
N VAL A 88 -41.51 -12.64 6.34
CA VAL A 88 -41.49 -12.10 7.71
C VAL A 88 -41.59 -10.57 7.72
N ALA A 89 -40.98 -9.92 6.73
CA ALA A 89 -40.98 -8.47 6.66
C ALA A 89 -41.17 -7.90 5.26
N PRO A 90 -42.44 -7.90 4.77
CA PRO A 90 -42.69 -7.29 3.46
C PRO A 90 -42.39 -5.78 3.48
N ASP A 91 -42.16 -5.26 4.69
CA ASP A 91 -41.92 -3.84 4.97
C ASP A 91 -40.60 -3.31 4.39
N VAL A 92 -39.52 -4.07 4.59
CA VAL A 92 -38.17 -3.56 4.30
C VAL A 92 -37.48 -4.30 3.13
N GLU A 93 -36.45 -3.67 2.57
CA GLU A 93 -35.62 -4.30 1.53
C GLU A 93 -34.96 -5.55 2.12
N PRO A 94 -35.18 -6.72 1.50
CA PRO A 94 -34.64 -7.96 2.06
C PRO A 94 -33.14 -8.03 1.78
N ARG A 95 -32.35 -8.10 2.83
CA ARG A 95 -30.90 -8.21 2.65
C ARG A 95 -30.37 -9.43 3.38
N VAL A 96 -29.48 -10.15 2.70
CA VAL A 96 -28.90 -11.37 3.21
C VAL A 96 -27.38 -11.25 3.17
N ARG A 97 -26.75 -11.68 4.26
CA ARG A 97 -25.30 -11.68 4.34
C ARG A 97 -24.83 -13.08 4.69
N PHE A 98 -23.66 -13.46 4.20
CA PHE A 98 -23.06 -14.72 4.57
C PHE A 98 -21.77 -14.44 5.33
N ARG A 99 -21.53 -15.23 6.37
CA ARG A 99 -20.28 -15.17 7.12
C ARG A 99 -19.67 -16.56 7.11
N GLY A 100 -18.37 -16.62 7.35
CA GLY A 100 -17.68 -17.89 7.55
C GLY A 100 -17.54 -18.73 6.31
N LEU A 101 -17.17 -18.09 5.20
CA LEU A 101 -16.84 -18.79 3.95
C LEU A 101 -15.79 -19.86 4.19
N PRO A 102 -16.02 -21.10 3.68
CA PRO A 102 -14.94 -22.08 3.64
C PRO A 102 -13.69 -21.49 2.94
N HIS A 103 -12.53 -21.94 3.40
CA HIS A 103 -11.26 -21.29 3.04
C HIS A 103 -11.00 -21.20 1.53
N ARG A 104 -11.43 -22.20 0.78
CA ARG A 104 -11.21 -22.25 -0.67
C ARG A 104 -12.01 -21.20 -1.45
N PHE A 105 -13.04 -20.62 -0.83
CA PHE A 105 -13.86 -19.59 -1.50
C PHE A 105 -13.36 -18.17 -1.19
N ARG A 106 -12.31 -18.07 -0.38
CA ARG A 106 -11.78 -16.76 0.04
C ARG A 106 -10.56 -16.34 -0.80
N ARG A 107 -10.45 -15.04 -1.06
CA ARG A 107 -9.34 -14.47 -1.82
C ARG A 107 -9.08 -15.20 -3.13
N VAL A 108 -10.16 -15.39 -3.89
CA VAL A 108 -10.14 -16.12 -5.15
C VAL A 108 -9.30 -15.36 -6.19
N GLU A 109 -8.36 -16.08 -6.79
CA GLU A 109 -7.42 -15.48 -7.73
C GLU A 109 -7.95 -15.46 -9.17
N ARG A 110 -8.93 -16.32 -9.47
CA ARG A 110 -9.57 -16.39 -10.79
C ARG A 110 -11.07 -16.56 -10.64
N ILE A 111 -11.85 -15.50 -10.87
CA ILE A 111 -13.29 -15.53 -10.53
C ILE A 111 -14.21 -16.24 -11.55
N ARG A 112 -13.80 -16.28 -12.81
CA ARG A 112 -14.70 -16.78 -13.87
C ARG A 112 -15.17 -18.23 -13.65
N PRO A 113 -14.26 -19.15 -13.26
CA PRO A 113 -14.70 -20.53 -13.03
C PRO A 113 -15.65 -20.65 -11.84
N MET A 114 -15.72 -19.60 -11.02
CA MET A 114 -16.57 -19.60 -9.82
C MET A 114 -17.97 -19.04 -10.09
N ASP A 115 -18.42 -19.04 -11.34
CA ASP A 115 -19.73 -18.45 -11.64
C ASP A 115 -20.81 -19.07 -10.76
N GLY A 116 -21.69 -18.23 -10.24
CA GLY A 116 -22.80 -18.68 -9.38
C GLY A 116 -22.48 -18.81 -7.90
N ALA A 117 -21.19 -18.75 -7.56
CA ALA A 117 -20.68 -19.02 -6.22
C ALA A 117 -20.49 -17.78 -5.35
N LEU A 118 -20.64 -17.98 -4.03
CA LEU A 118 -20.26 -16.99 -3.03
C LEU A 118 -18.76 -17.07 -2.84
N ILE A 119 -18.09 -15.93 -2.97
CA ILE A 119 -16.65 -15.87 -2.85
C ILE A 119 -16.24 -14.55 -2.19
N SER A 120 -14.96 -14.45 -1.79
CA SER A 120 -14.38 -13.12 -1.55
C SER A 120 -13.21 -12.91 -2.49
N ILE A 121 -12.99 -11.64 -2.86
CA ILE A 121 -11.75 -11.23 -3.52
C ILE A 121 -11.06 -10.22 -2.63
N GLU A 122 -9.75 -10.06 -2.83
CA GLU A 122 -9.02 -9.04 -2.12
C GLU A 122 -8.00 -8.41 -3.06
N GLY A 123 -7.97 -7.08 -3.08
CA GLY A 123 -6.95 -6.36 -3.82
C GLY A 123 -7.15 -4.86 -3.84
N VAL A 124 -6.55 -4.21 -4.83
CA VAL A 124 -6.51 -2.74 -4.92
C VAL A 124 -7.50 -2.27 -5.97
N VAL A 125 -8.31 -1.28 -5.60
CA VAL A 125 -9.31 -0.71 -6.50
C VAL A 125 -8.60 0.13 -7.56
N ARG A 126 -8.78 -0.27 -8.81
CA ARG A 126 -8.16 0.45 -9.94
C ARG A 126 -9.04 1.59 -10.42
N GLU A 127 -10.35 1.41 -10.30
CA GLU A 127 -11.29 2.31 -10.95
C GLU A 127 -12.68 2.18 -10.33
N VAL A 128 -13.41 3.28 -10.33
CA VAL A 128 -14.83 3.26 -9.93
C VAL A 128 -15.63 4.04 -10.94
N ARG A 129 -16.91 3.71 -11.06
CA ARG A 129 -17.76 4.47 -11.97
C ARG A 129 -19.22 4.49 -11.53
N GLY A 130 -19.92 5.53 -11.97
CA GLY A 130 -21.32 5.73 -11.64
C GLY A 130 -21.89 7.03 -12.19
N ALA A 131 -23.04 7.43 -11.66
CA ALA A 131 -23.69 8.66 -12.10
C ALA A 131 -24.17 9.41 -10.86
N GLU A 132 -25.44 9.26 -10.53
CA GLU A 132 -25.96 9.79 -9.28
C GLU A 132 -25.35 8.96 -8.13
N ARG A 133 -25.16 7.67 -8.40
CA ARG A 133 -24.67 6.70 -7.42
C ARG A 133 -23.36 6.06 -7.88
N LEU A 134 -22.51 5.70 -6.92
CA LEU A 134 -21.34 4.87 -7.18
C LEU A 134 -21.82 3.45 -7.49
N GLU A 135 -21.47 2.92 -8.66
CA GLU A 135 -22.12 1.71 -9.19
C GLU A 135 -21.19 0.54 -9.49
N HIS A 136 -20.02 0.81 -10.05
CA HIS A 136 -19.11 -0.23 -10.53
C HIS A 136 -17.68 0.02 -10.09
N ALA A 137 -16.92 -1.05 -9.92
CA ALA A 137 -15.50 -0.93 -9.65
C ALA A 137 -14.72 -2.00 -10.41
N ILE A 138 -13.45 -1.73 -10.65
CA ILE A 138 -12.53 -2.76 -11.14
C ILE A 138 -11.48 -2.96 -10.04
N VAL A 139 -11.28 -4.21 -9.65
CA VAL A 139 -10.31 -4.54 -8.59
C VAL A 139 -9.16 -5.43 -9.08
N ASP A 140 -7.93 -4.98 -8.86
CA ASP A 140 -6.73 -5.77 -9.16
C ASP A 140 -6.49 -6.73 -8.01
N THR A 141 -6.77 -8.02 -8.24
CA THR A 141 -6.58 -9.04 -7.19
C THR A 141 -5.19 -9.70 -7.23
N GLY A 142 -4.30 -9.16 -8.05
CA GLY A 142 -2.94 -9.69 -8.14
C GLY A 142 -2.66 -10.28 -9.50
N SER A 143 -3.47 -11.26 -9.92
CA SER A 143 -3.27 -11.87 -11.24
C SER A 143 -4.28 -11.43 -12.30
N GLU A 144 -5.38 -10.82 -11.86
CA GLU A 144 -6.42 -10.40 -12.79
C GLU A 144 -7.12 -9.13 -12.32
N LEU A 145 -7.87 -8.51 -13.23
CA LEU A 145 -8.71 -7.38 -12.88
C LEU A 145 -10.16 -7.86 -12.84
N VAL A 146 -10.86 -7.56 -11.75
CA VAL A 146 -12.19 -8.11 -11.50
C VAL A 146 -13.24 -6.99 -11.54
N ALA A 147 -14.28 -7.17 -12.36
CA ALA A 147 -15.36 -6.18 -12.39
C ALA A 147 -16.30 -6.45 -11.23
N VAL A 148 -16.77 -5.38 -10.59
CA VAL A 148 -17.64 -5.46 -9.39
C VAL A 148 -18.83 -4.53 -9.51
N ARG A 149 -20.04 -5.08 -9.35
CA ARG A 149 -21.26 -4.29 -9.20
C ARG A 149 -21.42 -4.03 -7.71
N LEU A 150 -21.45 -2.75 -7.34
CA LEU A 150 -21.28 -2.36 -5.93
C LEU A 150 -22.55 -2.41 -5.09
N HIS A 151 -23.72 -2.20 -5.72
CA HIS A 151 -24.99 -2.28 -5.00
C HIS A 151 -25.00 -1.42 -3.72
N GLY A 152 -24.58 -0.17 -3.85
CA GLY A 152 -24.62 0.77 -2.72
C GLY A 152 -23.40 0.75 -1.81
N HIS A 153 -22.55 -0.26 -1.98
CA HIS A 153 -21.35 -0.37 -1.15
C HIS A 153 -20.28 0.58 -1.65
N ARG A 154 -19.62 1.25 -0.72
CA ARG A 154 -18.67 2.29 -1.08
C ARG A 154 -17.21 1.84 -0.99
N LEU A 155 -16.40 2.43 -1.85
CA LEU A 155 -14.96 2.27 -1.86
C LEU A 155 -14.42 3.29 -2.86
N GLY A 156 -13.10 3.36 -3.03
CA GLY A 156 -12.52 4.32 -3.96
C GLY A 156 -11.20 3.85 -4.55
N PRO A 157 -10.75 4.48 -5.65
CA PRO A 157 -9.53 4.04 -6.34
C PRO A 157 -8.33 4.09 -5.40
N GLY A 158 -7.53 3.02 -5.39
CA GLY A 158 -6.31 2.97 -4.56
C GLY A 158 -6.51 2.26 -3.24
N LEU A 159 -7.78 2.15 -2.83
CA LEU A 159 -8.13 1.46 -1.59
C LEU A 159 -7.84 -0.03 -1.73
N ARG A 160 -7.29 -0.64 -0.68
CA ARG A 160 -7.22 -2.09 -0.61
C ARG A 160 -8.44 -2.64 0.13
N VAL A 161 -9.12 -3.59 -0.49
CA VAL A 161 -10.41 -4.07 0.01
C VAL A 161 -10.53 -5.58 -0.03
N GLU A 162 -11.32 -6.14 0.88
CA GLU A 162 -11.88 -7.47 0.68
C GLU A 162 -13.37 -7.33 0.39
N ILE A 163 -13.80 -7.96 -0.69
CA ILE A 163 -15.19 -7.86 -1.12
C ILE A 163 -15.79 -9.25 -1.16
N LEU A 164 -16.88 -9.39 -0.43
CA LEU A 164 -17.65 -10.61 -0.47
C LEU A 164 -18.80 -10.42 -1.45
N GLY A 165 -19.11 -11.46 -2.21
CA GLY A 165 -20.14 -11.36 -3.22
C GLY A 165 -20.46 -12.65 -3.91
N ILE A 166 -21.40 -12.57 -4.85
CA ILE A 166 -21.73 -13.73 -5.67
C ILE A 166 -21.34 -13.42 -7.14
N VAL A 167 -20.64 -14.36 -7.76
CA VAL A 167 -20.16 -14.18 -9.14
C VAL A 167 -21.31 -14.42 -10.11
N ARG A 168 -21.53 -13.47 -11.02
CA ARG A 168 -22.52 -13.63 -12.08
C ARG A 168 -21.92 -13.14 -13.39
N SER A 169 -21.61 -14.09 -14.27
CA SER A 169 -21.02 -13.84 -15.59
C SER A 169 -19.82 -12.89 -15.53
N ALA A 170 -18.74 -13.37 -14.91
CA ALA A 170 -17.47 -12.63 -14.83
C ALA A 170 -17.56 -11.27 -14.11
N THR A 171 -18.65 -11.04 -13.38
CA THR A 171 -18.80 -9.87 -12.50
C THR A 171 -19.15 -10.33 -11.08
N LEU A 172 -18.50 -9.71 -10.09
CA LEU A 172 -18.81 -10.00 -8.70
C LEU A 172 -19.89 -9.03 -8.25
N ASP A 173 -21.03 -9.57 -7.83
CA ASP A 173 -22.07 -8.77 -7.23
C ASP A 173 -21.79 -8.65 -5.74
N ALA A 174 -21.34 -7.47 -5.33
CA ALA A 174 -20.89 -7.24 -3.97
C ALA A 174 -22.04 -7.37 -2.96
N LEU A 175 -21.76 -8.09 -1.88
CA LEU A 175 -22.64 -8.18 -0.71
C LEU A 175 -22.11 -7.34 0.45
N GLU A 176 -20.78 -7.33 0.59
CA GLU A 176 -20.13 -6.44 1.57
C GLU A 176 -18.71 -6.10 1.14
N VAL A 177 -18.22 -4.97 1.66
CA VAL A 177 -16.90 -4.43 1.33
C VAL A 177 -16.20 -4.14 2.65
N HIS A 178 -15.00 -4.70 2.84
CA HIS A 178 -14.20 -4.46 4.02
C HIS A 178 -12.91 -3.76 3.63
N LYS A 179 -12.72 -2.54 4.14
CA LYS A 179 -11.49 -1.78 3.94
C LYS A 179 -10.35 -2.50 4.63
N LYS A 180 -9.18 -2.54 3.98
CA LYS A 180 -8.00 -3.19 4.53
C LYS A 180 -6.86 -2.17 4.61
N ASP A 181 -5.81 -2.51 5.35
CA ASP A 181 -4.56 -1.73 5.37
C ASP A 181 -4.03 -1.69 3.93
N PRO A 182 -3.27 -0.64 3.56
CA PRO A 182 -2.73 -0.59 2.19
C PRO A 182 -1.77 -1.72 1.84
N ILE A 183 -1.19 -2.38 2.85
CA ILE A 183 -0.26 -3.48 2.58
C ILE A 183 -0.75 -4.78 3.22
N PRO A 184 -0.41 -5.93 2.62
CA PRO A 184 -0.81 -7.23 3.13
C PRO A 184 -0.33 -7.48 4.56
N GLU A 185 -1.18 -8.15 5.34
CA GLU A 185 -0.84 -8.60 6.69
C GLU A 185 -0.08 -9.93 6.67
N VAL A 186 0.95 -10.01 7.51
CA VAL A 186 1.70 -11.23 7.72
C VAL A 186 1.48 -11.63 9.18
N HIS A 187 1.07 -12.87 9.40
CA HIS A 187 0.89 -13.40 10.75
C HIS A 187 1.82 -14.61 10.86
N PRO A 188 3.05 -14.38 11.34
CA PRO A 188 4.08 -15.42 11.39
C PRO A 188 3.75 -16.46 12.44
N ASP A 189 4.12 -17.71 12.16
CA ASP A 189 4.05 -18.78 13.15
C ASP A 189 5.27 -18.71 14.07
N PRO A 190 5.33 -19.56 15.13
CA PRO A 190 6.43 -19.46 16.07
C PRO A 190 7.80 -19.59 15.43
N ALA A 191 7.97 -20.50 14.47
CA ALA A 191 9.26 -20.66 13.78
C ALA A 191 9.64 -19.41 13.00
N GLU A 192 8.69 -18.83 12.27
CA GLU A 192 8.98 -17.62 11.50
C GLU A 192 9.21 -16.42 12.44
N LEU A 193 8.36 -16.28 13.44
CA LEU A 193 8.58 -15.25 14.47
C LEU A 193 9.98 -15.33 15.07
N GLU A 194 10.45 -16.56 15.29
CA GLU A 194 11.82 -16.79 15.75
C GLU A 194 12.87 -16.30 14.75
N GLU A 195 12.68 -16.58 13.46
CA GLU A 195 13.57 -16.07 12.41
C GLU A 195 13.60 -14.54 12.46
N PHE A 196 12.42 -13.93 12.57
CA PHE A 196 12.28 -12.47 12.65
C PHE A 196 13.09 -11.92 13.82
N ARG A 197 12.92 -12.51 15.00
CA ARG A 197 13.64 -12.04 16.18
C ARG A 197 15.15 -12.14 16.00
N GLU A 198 15.60 -13.24 15.40
CA GLU A 198 17.03 -13.41 15.10
C GLU A 198 17.54 -12.35 14.13
N LEU A 199 16.76 -12.06 13.09
CA LEU A 199 17.15 -11.01 12.13
C LEU A 199 17.26 -9.66 12.84
N ALA A 200 16.24 -9.30 13.61
CA ALA A 200 16.25 -8.06 14.41
C ALA A 200 17.48 -7.88 15.32
N ASP A 201 17.90 -8.96 15.96
CA ASP A 201 19.04 -8.92 16.88
C ASP A 201 20.38 -8.72 16.17
N LYS A 202 20.48 -9.12 14.90
CA LYS A 202 21.72 -9.04 14.13
C LYS A 202 22.03 -7.62 13.63
N ASP A 203 22.23 -7.51 12.32
CA ASP A 203 22.42 -6.23 11.65
C ASP A 203 21.50 -6.31 10.45
N PRO A 204 20.19 -6.01 10.65
CA PRO A 204 19.28 -6.12 9.51
C PRO A 204 19.55 -5.06 8.45
N LEU A 205 20.07 -3.90 8.85
CA LEU A 205 20.36 -2.84 7.88
C LEU A 205 21.34 -3.32 6.82
N THR A 206 22.45 -3.91 7.26
CA THR A 206 23.45 -4.43 6.31
C THR A 206 22.87 -5.53 5.42
N THR A 207 22.10 -6.43 6.02
CA THR A 207 21.44 -7.49 5.26
C THR A 207 20.56 -6.95 4.13
N PHE A 208 19.66 -6.01 4.46
CA PHE A 208 18.77 -5.43 3.46
C PHE A 208 19.55 -4.63 2.42
N ALA A 209 20.58 -3.90 2.87
CA ALA A 209 21.40 -3.06 1.99
C ALA A 209 22.11 -3.88 0.91
N ARG A 210 22.65 -5.02 1.33
CA ARG A 210 23.32 -5.93 0.41
C ARG A 210 22.33 -6.64 -0.50
N ALA A 211 21.15 -6.95 0.01
CA ALA A 211 20.10 -7.52 -0.82
C ALA A 211 19.74 -6.57 -1.96
N ILE A 212 19.64 -5.28 -1.65
CA ILE A 212 19.23 -4.27 -2.62
C ILE A 212 20.31 -3.89 -3.62
N ALA A 213 21.52 -3.68 -3.13
CA ALA A 213 22.59 -3.14 -3.96
C ALA A 213 23.93 -3.77 -3.59
N PRO A 214 24.19 -4.98 -4.10
CA PRO A 214 25.35 -5.76 -3.71
C PRO A 214 26.65 -5.38 -4.43
N LEU A 215 26.61 -4.47 -5.39
CA LEU A 215 27.80 -4.11 -6.17
C LEU A 215 28.82 -3.36 -5.30
N PRO A 216 30.14 -3.58 -5.56
CA PRO A 216 31.15 -2.84 -4.81
C PRO A 216 30.88 -1.34 -4.85
N GLY A 217 31.09 -0.69 -3.70
CA GLY A 217 30.92 0.76 -3.59
C GLY A 217 29.50 1.23 -3.30
N ALA A 218 28.51 0.33 -3.35
CA ALA A 218 27.11 0.73 -3.23
C ALA A 218 26.51 0.59 -1.81
N GLU A 219 27.38 0.59 -0.79
CA GLU A 219 26.99 0.39 0.62
C GLU A 219 25.99 1.41 1.17
N GLU A 220 26.33 2.70 1.06
CA GLU A 220 25.48 3.80 1.52
C GLU A 220 24.17 3.83 0.74
N VAL A 221 24.27 3.61 -0.57
CA VAL A 221 23.10 3.59 -1.43
C VAL A 221 22.14 2.49 -0.95
N GLY A 222 22.65 1.28 -0.75
CA GLY A 222 21.84 0.16 -0.22
C GLY A 222 21.17 0.50 1.11
N LYS A 223 21.92 1.15 2.01
CA LYS A 223 21.37 1.50 3.32
C LYS A 223 20.23 2.51 3.19
N MET A 224 20.42 3.51 2.34
CA MET A 224 19.35 4.50 2.07
C MET A 224 18.06 3.85 1.56
N LEU A 225 18.18 2.98 0.57
CA LEU A 225 17.03 2.27 0.02
C LEU A 225 16.41 1.27 1.01
N ALA A 226 17.25 0.59 1.78
CA ALA A 226 16.75 -0.28 2.86
C ALA A 226 15.86 0.51 3.84
N LEU A 227 16.37 1.64 4.32
CA LEU A 227 15.61 2.43 5.28
C LEU A 227 14.36 3.05 4.62
N GLN A 228 14.47 3.43 3.35
CA GLN A 228 13.26 3.86 2.63
C GLN A 228 12.12 2.81 2.67
N LEU A 229 12.45 1.55 2.43
CA LEU A 229 11.44 0.47 2.52
C LEU A 229 10.77 0.46 3.88
N PHE A 230 11.57 0.64 4.93
CA PHE A 230 11.07 0.65 6.31
C PHE A 230 10.39 1.97 6.71
N SER A 231 10.24 2.88 5.76
CA SER A 231 9.50 4.12 6.01
C SER A 231 8.10 4.08 5.39
N CYS A 232 7.75 2.96 4.76
CA CYS A 232 6.47 2.82 4.07
C CYS A 232 5.28 2.71 5.03
N VAL A 233 4.84 3.82 5.58
CA VAL A 233 3.71 3.80 6.53
C VAL A 233 2.72 4.91 6.17
N GLY A 234 1.49 4.81 6.68
CA GLY A 234 0.42 5.77 6.39
C GLY A 234 0.67 7.17 6.90
N LYS A 235 1.23 7.26 8.12
CA LYS A 235 1.56 8.54 8.76
C LYS A 235 2.42 9.41 7.85
N ASN A 236 1.85 10.54 7.44
CA ASN A 236 2.35 11.36 6.34
C ASN A 236 3.82 11.77 6.43
N SER A 237 4.21 12.21 7.62
CA SER A 237 5.54 12.77 7.84
C SER A 237 6.66 11.72 7.95
N GLU A 238 6.33 10.43 7.80
CA GLU A 238 7.26 9.31 8.05
C GLU A 238 8.02 8.82 6.83
N ARG A 239 7.40 8.98 5.66
CA ARG A 239 7.88 8.35 4.44
C ARG A 239 9.12 9.07 3.90
N LEU A 240 10.07 8.28 3.39
CA LEU A 240 11.32 8.80 2.83
C LEU A 240 11.30 8.79 1.32
N HIS A 241 11.85 9.86 0.74
CA HIS A 241 11.95 9.98 -0.72
C HIS A 241 13.41 10.07 -1.12
N VAL A 242 13.79 9.24 -2.07
CA VAL A 242 15.21 9.05 -2.42
C VAL A 242 15.36 9.21 -3.93
N LEU A 243 16.36 9.99 -4.33
CA LEU A 243 16.70 10.15 -5.74
C LEU A 243 18.03 9.45 -6.01
N LEU A 244 18.01 8.45 -6.89
CA LEU A 244 19.23 7.82 -7.40
C LEU A 244 19.77 8.60 -8.58
N ALA A 245 21.03 9.02 -8.51
CA ALA A 245 21.64 9.70 -9.63
C ALA A 245 22.80 8.86 -10.19
N GLY A 246 22.55 8.20 -11.31
CA GLY A 246 23.57 7.38 -11.98
C GLY A 246 23.20 7.04 -13.40
N TYR A 247 23.97 6.13 -14.01
CA TYR A 247 23.71 5.67 -15.37
C TYR A 247 22.38 4.92 -15.45
N PRO A 248 21.65 5.05 -16.58
CA PRO A 248 20.29 4.48 -16.75
C PRO A 248 20.12 3.01 -16.41
N VAL A 249 20.97 2.17 -16.99
CA VAL A 249 20.87 0.72 -16.86
C VAL A 249 20.92 0.27 -15.40
N VAL A 250 21.90 0.75 -14.66
CA VAL A 250 22.08 0.30 -13.30
C VAL A 250 20.97 0.84 -12.38
N CYS A 251 20.56 2.08 -12.60
CA CYS A 251 19.47 2.68 -11.80
C CYS A 251 18.14 1.96 -12.06
N SER A 252 17.87 1.60 -13.33
CA SER A 252 16.65 0.88 -13.65
C SER A 252 16.62 -0.50 -13.00
N GLU A 253 17.75 -1.20 -13.04
CA GLU A 253 17.84 -2.52 -12.41
C GLU A 253 17.53 -2.40 -10.92
N ILE A 254 18.07 -1.38 -10.26
CA ILE A 254 17.83 -1.17 -8.83
C ILE A 254 16.31 -0.95 -8.54
N LEU A 255 15.70 0.01 -9.25
CA LEU A 255 14.27 0.30 -9.07
C LEU A 255 13.41 -0.94 -9.28
N HIS A 256 13.66 -1.67 -10.37
CA HIS A 256 12.91 -2.90 -10.67
C HIS A 256 13.14 -3.96 -9.60
N HIS A 257 14.40 -4.09 -9.15
CA HIS A 257 14.77 -5.04 -8.11
C HIS A 257 13.98 -4.78 -6.80
N VAL A 258 14.01 -3.53 -6.34
CA VAL A 258 13.30 -3.16 -5.12
C VAL A 258 11.81 -3.47 -5.24
N LEU A 259 11.18 -3.02 -6.32
CA LEU A 259 9.75 -3.26 -6.52
C LEU A 259 9.39 -4.71 -6.71
N ASP A 260 10.24 -5.47 -7.39
CA ASP A 260 9.89 -6.85 -7.71
C ASP A 260 10.03 -7.77 -6.53
N HIS A 261 11.03 -7.50 -5.69
CA HIS A 261 11.48 -8.48 -4.71
C HIS A 261 11.35 -8.09 -3.26
N LEU A 262 11.18 -6.79 -3.01
CA LEU A 262 11.24 -6.31 -1.62
C LEU A 262 10.07 -5.45 -1.21
N ALA A 263 9.59 -4.59 -2.10
CA ALA A 263 8.55 -3.62 -1.73
C ALA A 263 7.25 -4.29 -1.25
N PRO A 264 6.61 -3.74 -0.19
CA PRO A 264 5.34 -4.27 0.34
C PRO A 264 4.18 -4.09 -0.65
N ARG A 265 4.37 -3.11 -1.53
CA ARG A 265 3.38 -2.69 -2.52
C ARG A 265 4.08 -1.64 -3.38
N GLY A 266 3.69 -1.50 -4.64
CA GLY A 266 4.34 -0.44 -5.40
C GLY A 266 4.03 -0.47 -6.88
N VAL A 267 4.51 0.55 -7.59
CA VAL A 267 4.34 0.69 -9.02
C VAL A 267 5.61 1.26 -9.60
N TYR A 268 6.00 0.70 -10.74
CA TYR A 268 7.10 1.25 -11.51
C TYR A 268 6.55 2.06 -12.67
N VAL A 269 7.11 3.26 -12.86
CA VAL A 269 6.89 4.02 -14.08
C VAL A 269 8.18 4.58 -14.66
N ASP A 270 8.24 4.59 -15.98
CA ASP A 270 9.22 5.41 -16.69
C ASP A 270 8.49 6.73 -16.90
N LEU A 271 8.93 7.80 -16.22
CA LEU A 271 8.22 9.08 -16.28
C LEU A 271 8.04 9.59 -17.72
N ARG A 272 9.01 9.29 -18.58
CA ARG A 272 8.92 9.68 -19.98
C ARG A 272 7.73 9.04 -20.72
N ARG A 273 7.28 7.87 -20.25
CA ARG A 273 6.16 7.16 -20.87
C ARG A 273 4.85 7.34 -20.09
N THR A 274 4.83 8.28 -19.16
CA THR A 274 3.70 8.42 -18.25
C THR A 274 3.04 9.78 -18.44
N GLU A 275 1.80 9.77 -18.92
CA GLU A 275 1.01 10.99 -19.01
C GLU A 275 0.63 11.39 -17.59
N LEU A 276 0.34 12.67 -17.38
CA LEU A 276 0.04 13.17 -16.05
C LEU A 276 -1.07 12.35 -15.40
N THR A 277 -2.12 12.07 -16.16
CA THR A 277 -3.22 11.32 -15.59
C THR A 277 -2.89 9.82 -15.41
N ASP A 278 -1.83 9.33 -16.06
CA ASP A 278 -1.30 7.98 -15.76
C ASP A 278 -0.57 8.00 -14.40
N LEU A 279 -0.14 9.18 -13.97
CA LEU A 279 0.61 9.33 -12.72
C LEU A 279 -0.30 9.65 -11.52
N THR A 280 -1.33 10.45 -11.75
CA THR A 280 -2.22 10.86 -10.69
C THR A 280 -3.52 10.04 -10.72
N ALA A 281 -4.47 10.48 -11.55
CA ALA A 281 -5.75 9.83 -11.72
C ALA A 281 -6.43 10.51 -12.89
N VAL A 282 -7.41 9.84 -13.49
CA VAL A 282 -8.22 10.47 -14.55
C VAL A 282 -9.71 10.43 -14.17
N LEU A 283 -10.39 11.57 -14.33
CA LEU A 283 -11.84 11.63 -14.19
C LEU A 283 -12.45 11.84 -15.58
N LYS A 284 -13.24 10.87 -16.04
CA LYS A 284 -13.86 10.93 -17.35
C LYS A 284 -15.36 11.14 -17.20
N GLU A 285 -15.90 12.07 -17.98
CA GLU A 285 -17.34 12.36 -18.02
C GLU A 285 -17.95 11.85 -19.31
N ASP A 286 -18.87 10.89 -19.18
CA ASP A 286 -19.47 10.22 -20.34
C ASP A 286 -20.75 9.47 -19.93
N ARG A 287 -21.90 10.11 -20.11
CA ARG A 287 -23.19 9.57 -19.63
C ARG A 287 -23.02 8.98 -18.21
N GLY A 288 -22.32 9.73 -17.36
CA GLY A 288 -21.86 9.25 -16.05
C GLY A 288 -20.43 9.70 -15.84
N TRP A 289 -19.79 9.16 -14.80
CA TRP A 289 -18.41 9.49 -14.47
C TRP A 289 -17.61 8.22 -14.16
N ALA A 290 -16.34 8.21 -14.51
CA ALA A 290 -15.43 7.13 -14.11
C ALA A 290 -14.16 7.74 -13.56
N LEU A 291 -13.67 7.20 -12.44
CA LEU A 291 -12.44 7.68 -11.83
C LEU A 291 -11.43 6.54 -11.76
N ARG A 292 -10.30 6.69 -12.46
CA ARG A 292 -9.29 5.63 -12.58
C ARG A 292 -7.97 6.06 -11.92
N ALA A 293 -7.45 5.20 -11.05
CA ALA A 293 -6.23 5.49 -10.31
C ALA A 293 -5.03 5.46 -11.26
N GLY A 294 -4.18 6.47 -11.12
CA GLY A 294 -2.86 6.47 -11.73
C GLY A 294 -1.83 5.90 -10.77
N ALA A 295 -0.56 5.93 -11.19
CA ALA A 295 0.51 5.23 -10.48
C ALA A 295 0.66 5.59 -9.01
N ALA A 296 0.63 6.88 -8.68
CA ALA A 296 0.90 7.31 -7.30
C ALA A 296 -0.17 6.79 -6.33
N VAL A 297 -1.41 6.79 -6.81
CA VAL A 297 -2.56 6.25 -6.09
C VAL A 297 -2.45 4.72 -5.95
N LEU A 298 -2.07 4.02 -7.02
CA LEU A 298 -1.91 2.57 -6.93
C LEU A 298 -0.72 2.17 -6.04
N ALA A 299 0.21 3.10 -5.81
CA ALA A 299 1.39 2.85 -4.96
C ALA A 299 1.15 3.27 -3.51
N ASP A 300 -0.07 3.72 -3.20
CA ASP A 300 -0.42 4.07 -1.83
C ASP A 300 0.04 3.01 -0.82
N GLY A 301 0.83 3.45 0.17
CA GLY A 301 1.35 2.57 1.20
C GLY A 301 2.61 1.80 0.82
N GLY A 302 3.15 2.09 -0.36
CA GLY A 302 4.34 1.39 -0.81
C GLY A 302 5.31 2.30 -1.54
N ILE A 303 6.04 1.72 -2.50
CA ILE A 303 7.07 2.46 -3.21
C ILE A 303 6.56 2.88 -4.57
N LEU A 304 6.69 4.16 -4.88
CA LEU A 304 6.51 4.61 -6.26
C LEU A 304 7.88 4.77 -6.91
N ALA A 305 8.22 3.85 -7.83
CA ALA A 305 9.50 3.92 -8.51
C ALA A 305 9.35 4.77 -9.77
N VAL A 306 10.02 5.92 -9.78
CA VAL A 306 9.86 6.90 -10.85
C VAL A 306 11.17 6.98 -11.62
N ASP A 307 11.25 6.22 -12.71
CA ASP A 307 12.49 6.09 -13.47
C ASP A 307 12.57 7.22 -14.50
N HIS A 308 13.80 7.60 -14.86
CA HIS A 308 14.05 8.63 -15.87
C HIS A 308 13.40 9.97 -15.56
N LEU A 309 13.72 10.52 -14.40
CA LEU A 309 13.19 11.81 -13.95
C LEU A 309 13.73 13.01 -14.73
N GLU A 310 14.84 12.84 -15.47
CA GLU A 310 15.45 13.97 -16.19
C GLU A 310 14.42 14.70 -17.04
N GLY A 311 14.41 16.03 -16.91
CA GLY A 311 13.50 16.89 -17.69
C GLY A 311 12.03 16.68 -17.36
N ALA A 312 11.75 16.20 -16.15
CA ALA A 312 10.39 15.99 -15.70
C ALA A 312 9.55 17.25 -15.93
N PRO A 313 8.46 17.15 -16.71
CA PRO A 313 7.66 18.36 -16.97
C PRO A 313 7.04 18.90 -15.69
N GLU A 314 6.82 20.22 -15.66
CA GLU A 314 6.31 20.89 -14.50
C GLU A 314 5.03 20.27 -13.86
N PRO A 315 3.99 19.97 -14.66
CA PRO A 315 2.79 19.34 -14.10
C PRO A 315 3.08 18.02 -13.36
N HIS A 316 3.96 17.19 -13.93
CA HIS A 316 4.47 15.97 -13.29
C HIS A 316 5.22 16.25 -11.98
N ARG A 317 6.07 17.28 -11.97
CA ARG A 317 6.76 17.68 -10.73
C ARG A 317 5.79 18.14 -9.63
N TRP A 318 4.82 18.96 -9.99
CA TRP A 318 3.78 19.35 -9.04
C TRP A 318 3.04 18.15 -8.43
N ALA A 319 2.67 17.18 -9.28
CA ALA A 319 1.98 15.98 -8.81
C ALA A 319 2.87 15.23 -7.85
N LEU A 320 4.14 15.04 -8.23
CA LEU A 320 5.08 14.32 -7.40
C LEU A 320 5.27 15.03 -6.08
N MET A 321 5.35 16.36 -6.11
CA MET A 321 5.54 17.11 -4.87
C MET A 321 4.36 16.98 -3.92
N GLU A 322 3.16 16.97 -4.47
CA GLU A 322 1.95 16.77 -3.65
C GLU A 322 1.97 15.39 -2.98
N ALA A 323 2.27 14.35 -3.75
CA ALA A 323 2.35 12.99 -3.21
C ALA A 323 3.43 12.90 -2.13
N MET A 324 4.57 13.57 -2.37
CA MET A 324 5.70 13.51 -1.46
C MET A 324 5.47 14.27 -0.16
N ASP A 325 4.93 15.49 -0.29
CA ASP A 325 4.68 16.38 0.86
C ASP A 325 3.43 16.03 1.64
N LYS A 326 2.35 15.72 0.92
CA LYS A 326 1.02 15.59 1.53
C LYS A 326 0.42 14.18 1.45
N GLY A 327 1.03 13.30 0.66
CA GLY A 327 0.53 11.92 0.50
C GLY A 327 -0.81 11.79 -0.23
N THR A 328 -1.07 12.77 -1.10
CA THR A 328 -2.27 12.76 -1.92
C THR A 328 -1.95 13.12 -3.36
N VAL A 329 -2.88 12.78 -4.25
CA VAL A 329 -2.98 13.42 -5.54
C VAL A 329 -4.38 13.99 -5.61
N THR A 330 -4.52 15.09 -6.36
CA THR A 330 -5.81 15.74 -6.52
C THR A 330 -6.08 15.86 -8.01
N VAL A 331 -7.27 15.42 -8.41
CA VAL A 331 -7.74 15.59 -9.76
C VAL A 331 -9.15 16.17 -9.67
N ASP A 332 -9.34 17.37 -10.24
CA ASP A 332 -10.66 18.03 -10.26
C ASP A 332 -11.32 18.12 -8.88
N GLY A 333 -10.52 18.55 -7.90
CA GLY A 333 -11.00 18.72 -6.54
C GLY A 333 -11.20 17.43 -5.77
N ILE A 334 -10.92 16.29 -6.38
CA ILE A 334 -11.00 15.00 -5.70
C ILE A 334 -9.61 14.64 -5.18
N ALA A 335 -9.45 14.59 -3.86
CA ALA A 335 -8.20 14.18 -3.24
C ALA A 335 -8.20 12.66 -3.04
N LEU A 336 -7.17 11.97 -3.56
CA LEU A 336 -7.02 10.51 -3.37
C LEU A 336 -5.75 10.19 -2.57
N ASN A 337 -5.78 9.12 -1.78
CA ASN A 337 -4.60 8.76 -0.98
C ASN A 337 -3.51 8.29 -1.94
N ALA A 338 -2.32 8.84 -1.74
CA ALA A 338 -1.15 8.46 -2.51
C ALA A 338 0.04 8.55 -1.57
N ARG A 339 0.00 7.69 -0.54
CA ARG A 339 0.98 7.74 0.55
C ARG A 339 2.12 6.84 0.18
N CYS A 340 2.86 7.26 -0.85
CA CYS A 340 3.94 6.45 -1.41
C CYS A 340 5.31 7.03 -1.04
N ALA A 341 6.30 6.16 -0.95
CA ALA A 341 7.69 6.60 -0.76
C ALA A 341 8.25 6.67 -2.19
N VAL A 342 8.72 7.83 -2.59
CA VAL A 342 9.16 8.03 -3.97
C VAL A 342 10.63 7.63 -4.12
N LEU A 343 10.86 6.61 -4.94
CA LEU A 343 12.19 6.17 -5.33
C LEU A 343 12.39 6.55 -6.80
N ALA A 344 13.07 7.66 -7.01
CA ALA A 344 13.25 8.19 -8.35
C ALA A 344 14.66 7.92 -8.83
N ALA A 345 14.84 7.93 -10.16
CA ALA A 345 16.16 7.81 -10.78
C ALA A 345 16.34 8.88 -11.86
N ILE A 346 17.53 9.47 -11.90
CA ILE A 346 17.86 10.48 -12.90
C ILE A 346 19.23 10.20 -13.49
N ASN A 347 19.35 10.43 -14.80
CA ASN A 347 20.61 10.27 -15.50
C ASN A 347 21.25 11.63 -15.68
N PRO A 348 22.29 11.93 -14.88
CA PRO A 348 23.02 13.19 -15.02
C PRO A 348 23.95 13.11 -16.24
N GLY A 349 25.21 13.48 -16.07
CA GLY A 349 26.19 13.26 -17.14
C GLY A 349 27.48 14.03 -16.94
N GLU A 350 28.25 14.10 -18.01
CA GLU A 350 29.49 14.88 -18.09
C GLU A 350 29.26 16.35 -17.71
N PRO A 353 31.11 18.70 -17.48
CA PRO A 353 30.90 19.43 -16.24
C PRO A 353 31.79 18.90 -15.12
N SER A 354 32.78 19.70 -14.75
CA SER A 354 33.61 19.45 -13.58
C SER A 354 33.05 20.23 -12.38
N ASP A 355 31.74 20.44 -12.41
CA ASP A 355 31.00 21.04 -11.30
C ASP A 355 30.66 19.95 -10.27
N PRO A 356 30.25 20.34 -9.04
CA PRO A 356 29.95 19.33 -8.03
C PRO A 356 28.80 18.43 -8.49
N PRO A 357 28.75 17.16 -8.03
CA PRO A 357 27.74 16.21 -8.53
C PRO A 357 26.30 16.73 -8.55
N ILE A 358 25.89 17.49 -7.54
CA ILE A 358 24.52 17.97 -7.49
C ILE A 358 24.23 19.04 -8.56
N ALA A 359 25.25 19.79 -8.95
CA ALA A 359 25.12 20.80 -9.99
C ALA A 359 24.82 20.19 -11.36
N ARG A 360 25.19 18.92 -11.54
CA ARG A 360 24.98 18.20 -12.80
C ARG A 360 23.56 17.65 -12.97
N ILE A 361 22.77 17.67 -11.90
CA ILE A 361 21.38 17.25 -11.95
C ILE A 361 20.53 18.38 -12.54
N ASP A 362 19.95 18.14 -13.72
CA ASP A 362 19.05 19.13 -14.30
C ASP A 362 17.60 18.94 -13.80
N LEU A 363 17.35 19.57 -12.65
CA LEU A 363 16.04 19.62 -12.02
C LEU A 363 16.08 20.88 -11.19
N ASP A 364 14.94 21.57 -11.06
CA ASP A 364 14.95 22.82 -10.31
C ASP A 364 15.21 22.59 -8.84
N GLN A 365 15.79 23.61 -8.19
CA GLN A 365 16.19 23.54 -6.79
C GLN A 365 15.04 23.20 -5.84
N ASP A 366 13.87 23.80 -6.06
CA ASP A 366 12.69 23.60 -5.22
C ASP A 366 12.24 22.13 -5.24
N PHE A 367 12.09 21.57 -6.43
CA PHE A 367 11.69 20.16 -6.58
C PHE A 367 12.72 19.23 -5.94
N LEU A 368 14.00 19.49 -6.22
CA LEU A 368 15.08 18.67 -5.71
C LEU A 368 15.11 18.61 -4.18
N SER A 369 14.72 19.70 -3.53
CA SER A 369 14.72 19.76 -2.07
C SER A 369 13.65 18.89 -1.43
N HIS A 370 12.73 18.35 -2.22
CA HIS A 370 11.67 17.49 -1.69
C HIS A 370 12.16 16.07 -1.40
N PHE A 371 13.34 15.75 -1.91
CA PHE A 371 13.94 14.45 -1.66
C PHE A 371 14.73 14.52 -0.36
N ASP A 372 14.55 13.51 0.48
CA ASP A 372 15.34 13.38 1.70
C ASP A 372 16.82 13.13 1.39
N LEU A 373 17.09 12.33 0.36
CA LEU A 373 18.45 11.90 0.06
C LEU A 373 18.64 11.80 -1.42
N ILE A 374 19.83 12.19 -1.88
CA ILE A 374 20.24 11.89 -3.25
C ILE A 374 21.41 10.94 -3.18
N ALA A 375 21.27 9.81 -3.85
CA ALA A 375 22.31 8.78 -3.88
C ALA A 375 23.08 8.87 -5.21
N PHE A 376 24.27 9.47 -5.14
CA PHE A 376 25.13 9.64 -6.30
C PHE A 376 25.92 8.36 -6.48
N LEU A 377 25.54 7.56 -7.47
CA LEU A 377 26.21 6.29 -7.72
C LEU A 377 27.60 6.55 -8.30
N GLY A 378 28.56 5.66 -8.01
CA GLY A 378 29.95 5.86 -8.44
C GLY A 378 30.67 6.89 -7.56
N VAL A 379 29.89 7.55 -6.69
CA VAL A 379 30.36 8.46 -5.65
C VAL A 379 30.76 9.83 -6.19
N PRO A 394 19.62 -13.55 3.14
CA PRO A 394 18.63 -14.62 3.20
C PRO A 394 17.61 -14.55 2.07
N SER A 395 16.62 -15.43 2.15
CA SER A 395 15.50 -15.48 1.25
C SER A 395 14.81 -14.12 1.10
N TYR A 396 14.47 -13.75 -0.14
CA TYR A 396 13.66 -12.55 -0.36
C TYR A 396 12.27 -12.69 0.24
N THR A 397 11.77 -13.92 0.30
CA THR A 397 10.52 -14.22 0.99
C THR A 397 10.59 -13.78 2.46
N LEU A 398 11.64 -14.19 3.15
CA LEU A 398 11.85 -13.82 4.54
C LEU A 398 11.99 -12.30 4.65
N LEU A 399 12.87 -11.72 3.85
CA LEU A 399 13.10 -10.26 3.89
C LEU A 399 11.82 -9.47 3.68
N ARG A 400 11.02 -9.86 2.70
CA ARG A 400 9.79 -9.12 2.38
C ARG A 400 8.74 -9.29 3.49
N ARG A 401 8.59 -10.53 3.96
CA ARG A 401 7.63 -10.80 5.05
C ARG A 401 8.02 -10.10 6.36
N TYR A 402 9.32 -10.05 6.67
CA TYR A 402 9.82 -9.31 7.83
C TYR A 402 9.46 -7.83 7.70
N LEU A 403 9.66 -7.26 6.51
CA LEU A 403 9.33 -5.85 6.29
C LEU A 403 7.86 -5.59 6.52
N LEU A 404 7.01 -6.42 5.91
CA LEU A 404 5.56 -6.30 6.05
C LEU A 404 5.16 -6.34 7.53
N TYR A 405 5.76 -7.28 8.24
CA TYR A 405 5.54 -7.46 9.65
C TYR A 405 5.96 -6.18 10.43
N ALA A 406 7.19 -5.73 10.18
CA ALA A 406 7.74 -4.57 10.89
C ALA A 406 6.89 -3.31 10.71
N ILE A 407 6.43 -3.07 9.49
CA ILE A 407 5.60 -1.88 9.16
C ILE A 407 4.29 -1.90 9.93
N ARG A 408 3.63 -3.06 9.95
CA ARG A 408 2.31 -3.18 10.57
C ARG A 408 2.45 -3.13 12.10
N GLU A 409 3.51 -3.74 12.61
CA GLU A 409 3.67 -3.87 14.05
C GLU A 409 4.32 -2.67 14.70
N HIS A 410 5.10 -1.91 13.93
CA HIS A 410 5.79 -0.72 14.48
C HIS A 410 5.59 0.53 13.62
N PRO A 411 4.31 0.96 13.43
CA PRO A 411 4.05 2.07 12.51
C PRO A 411 4.59 3.39 13.03
N ALA A 412 4.72 3.53 14.35
CA ALA A 412 4.96 4.84 14.91
C ALA A 412 6.00 4.88 16.04
N PRO A 413 7.27 4.54 15.73
CA PRO A 413 8.26 4.66 16.80
C PRO A 413 8.51 6.12 17.12
N GLU A 414 8.93 6.38 18.36
CA GLU A 414 9.13 7.75 18.84
C GLU A 414 10.50 7.90 19.49
N LEU A 415 11.08 9.10 19.32
CA LEU A 415 12.34 9.42 19.99
C LEU A 415 12.28 9.22 21.49
N THR A 416 13.28 8.51 22.04
CA THR A 416 13.58 8.59 23.46
C THR A 416 14.20 9.95 23.74
N GLU A 417 14.21 10.31 25.02
CA GLU A 417 14.81 11.56 25.45
C GLU A 417 16.24 11.69 24.95
N GLU A 418 17.05 10.67 25.17
CA GLU A 418 18.45 10.70 24.73
C GLU A 418 18.63 10.71 23.20
N ALA A 419 17.69 10.11 22.47
CA ALA A 419 17.69 10.16 21.01
C ALA A 419 17.37 11.57 20.52
N ARG A 420 16.41 12.21 21.18
CA ARG A 420 16.05 13.60 20.85
C ARG A 420 17.25 14.51 21.07
N LYS A 421 17.96 14.31 22.18
CA LYS A 421 19.16 15.10 22.45
C LYS A 421 20.26 14.84 21.41
N ARG A 422 20.42 13.58 21.04
CA ARG A 422 21.41 13.19 20.03
C ARG A 422 21.09 13.86 18.68
N LEU A 423 19.80 13.94 18.36
CA LEU A 423 19.35 14.52 17.10
C LEU A 423 19.55 16.04 17.10
N GLU A 424 19.16 16.68 18.19
CA GLU A 424 19.31 18.14 18.30
C GLU A 424 20.79 18.56 18.27
N HIS A 425 21.65 17.75 18.88
CA HIS A 425 23.10 17.96 18.91
C HIS A 425 23.73 17.87 17.51
N TRP A 426 23.42 16.80 16.79
CA TRP A 426 23.84 16.68 15.39
C TRP A 426 23.44 17.93 14.61
N TYR A 427 22.17 18.32 14.73
CA TYR A 427 21.61 19.41 13.95
C TYR A 427 22.33 20.73 14.21
N GLU A 428 22.47 21.10 15.48
CA GLU A 428 23.14 22.33 15.86
C GLU A 428 24.62 22.32 15.48
N THR A 429 25.30 21.19 15.69
CA THR A 429 26.71 21.03 15.34
C THR A 429 26.93 21.20 13.82
N ARG A 430 26.07 20.59 13.02
CA ARG A 430 26.19 20.69 11.56
C ARG A 430 25.88 22.10 11.03
N ARG A 431 24.88 22.76 11.61
CA ARG A 431 24.55 24.13 11.20
C ARG A 431 25.72 25.08 11.46
N GLU A 432 26.39 24.90 12.58
CA GLU A 432 27.59 25.66 12.94
C GLU A 432 28.71 25.40 11.93
N GLU A 433 28.89 24.14 11.57
CA GLU A 433 29.92 23.78 10.59
C GLU A 433 29.66 24.39 9.22
N VAL A 434 28.39 24.39 8.77
CA VAL A 434 28.03 25.01 7.49
C VAL A 434 28.35 26.51 7.52
N GLU A 435 27.95 27.18 8.60
CA GLU A 435 28.23 28.61 8.76
C GLU A 435 29.72 28.87 8.70
N GLU A 436 30.48 28.06 9.43
CA GLU A 436 31.93 28.19 9.43
C GLU A 436 32.52 27.97 8.03
N ARG A 437 32.14 26.89 7.37
CA ARG A 437 32.59 26.62 6.00
C ARG A 437 32.23 27.72 5.00
N LEU A 438 31.02 28.27 5.12
CA LEU A 438 30.64 29.39 4.25
C LEU A 438 31.53 30.59 4.58
N GLY A 439 31.78 30.83 5.86
CA GLY A 439 32.70 31.89 6.29
C GLY A 439 34.11 31.76 5.69
N MET A 440 34.53 30.52 5.45
CA MET A 440 35.84 30.22 4.85
C MET A 440 35.83 30.32 3.31
N GLY A 441 34.64 30.48 2.74
CA GLY A 441 34.50 30.53 1.28
C GLY A 441 34.40 29.17 0.62
N LEU A 442 33.96 28.16 1.37
CA LEU A 442 33.85 26.81 0.83
C LEU A 442 32.39 26.50 0.50
N PRO A 443 32.07 26.25 -0.78
CA PRO A 443 30.68 25.97 -1.14
C PRO A 443 30.17 24.72 -0.43
N THR A 444 29.04 24.87 0.22
CA THR A 444 28.44 23.78 1.01
C THR A 444 26.92 23.87 0.95
N LEU A 445 26.27 22.72 0.97
CA LEU A 445 24.81 22.70 1.04
C LEU A 445 24.36 23.14 2.42
N PRO A 446 23.28 23.94 2.51
CA PRO A 446 22.75 24.30 3.83
C PRO A 446 22.20 23.09 4.56
N VAL A 447 22.21 23.15 5.89
CA VAL A 447 21.55 22.18 6.74
C VAL A 447 20.36 22.89 7.38
N THR A 448 19.16 22.52 6.89
CA THR A 448 17.91 23.19 7.24
C THR A 448 16.95 22.25 7.97
N ARG A 449 15.75 22.73 8.29
CA ARG A 449 14.74 21.88 8.90
C ARG A 449 14.47 20.61 8.09
N ARG A 450 14.63 20.68 6.76
CA ARG A 450 14.44 19.52 5.88
C ARG A 450 15.40 18.40 6.26
N GLN A 451 16.65 18.76 6.55
CA GLN A 451 17.67 17.77 6.95
C GLN A 451 17.39 17.18 8.33
N LEU A 452 16.98 18.04 9.27
CA LEU A 452 16.52 17.58 10.58
C LEU A 452 15.41 16.55 10.43
N GLU A 453 14.41 16.90 9.61
CA GLU A 453 13.30 16.01 9.30
C GLU A 453 13.76 14.68 8.70
N SER A 454 14.71 14.73 7.77
CA SER A 454 15.19 13.50 7.12
C SER A 454 15.92 12.57 8.09
N VAL A 455 16.77 13.15 8.93
CA VAL A 455 17.46 12.34 9.94
C VAL A 455 16.42 11.64 10.85
N GLU A 456 15.41 12.37 11.28
CA GLU A 456 14.38 11.80 12.15
C GLU A 456 13.63 10.66 11.46
N ARG A 457 13.24 10.87 10.20
CA ARG A 457 12.57 9.82 9.41
C ARG A 457 13.43 8.58 9.24
N LEU A 458 14.72 8.79 8.92
CA LEU A 458 15.63 7.66 8.75
C LEU A 458 15.85 6.91 10.05
N ALA A 459 15.92 7.64 11.17
CA ALA A 459 16.08 7.00 12.48
C ALA A 459 14.86 6.16 12.90
N LYS A 460 13.66 6.69 12.63
CA LYS A 460 12.42 5.94 12.85
C LYS A 460 12.41 4.67 11.99
N ALA A 461 12.80 4.80 10.72
CA ALA A 461 12.89 3.63 9.83
C ALA A 461 13.82 2.57 10.37
N HIS A 462 14.98 2.98 10.89
CA HIS A 462 15.92 2.03 11.45
C HIS A 462 15.34 1.37 12.73
N ALA A 463 14.60 2.13 13.52
CA ALA A 463 13.95 1.55 14.71
C ALA A 463 12.92 0.49 14.28
N ARG A 464 12.15 0.76 13.23
CA ARG A 464 11.23 -0.27 12.68
C ARG A 464 11.99 -1.53 12.27
N MET A 465 13.18 -1.33 11.69
CA MET A 465 14.03 -2.43 11.22
C MET A 465 14.54 -3.30 12.36
N ARG A 466 14.57 -2.74 13.57
CA ARG A 466 14.96 -3.46 14.78
C ARG A 466 13.72 -3.97 15.51
N LEU A 467 12.56 -3.86 14.87
CA LEU A 467 11.26 -4.18 15.45
C LEU A 467 11.04 -3.42 16.76
N SER A 468 11.37 -2.13 16.77
CA SER A 468 11.24 -1.35 17.97
C SER A 468 10.30 -0.13 17.84
N ASP A 469 9.68 0.23 18.96
CA ASP A 469 8.88 1.44 19.02
C ASP A 469 9.65 2.62 19.61
N ASP A 470 10.89 2.37 20.02
CA ASP A 470 11.75 3.39 20.59
C ASP A 470 12.90 3.74 19.65
N VAL A 471 12.92 4.99 19.18
CA VAL A 471 14.08 5.48 18.42
C VAL A 471 15.18 5.83 19.40
N GLU A 472 16.36 5.21 19.24
CA GLU A 472 17.47 5.35 20.19
C GLU A 472 18.61 6.15 19.55
N PRO A 473 19.58 6.64 20.37
CA PRO A 473 20.72 7.38 19.81
C PRO A 473 21.46 6.65 18.66
N GLU A 474 21.54 5.34 18.77
CA GLU A 474 22.15 4.51 17.75
C GLU A 474 21.44 4.63 16.38
N ASP A 475 20.11 4.75 16.41
CA ASP A 475 19.30 4.95 15.18
C ASP A 475 19.56 6.33 14.59
N VAL A 476 19.72 7.33 15.47
CA VAL A 476 19.98 8.70 15.05
C VAL A 476 21.35 8.76 14.37
N ASP A 477 22.32 8.06 14.94
CA ASP A 477 23.68 8.06 14.42
C ASP A 477 23.75 7.48 13.00
N ILE A 478 23.02 6.39 12.79
CA ILE A 478 22.99 5.76 11.47
C ILE A 478 22.34 6.69 10.44
N ALA A 479 21.19 7.24 10.81
CA ALA A 479 20.47 8.24 9.99
C ALA A 479 21.35 9.46 9.63
N ALA A 480 22.01 10.02 10.63
CA ALA A 480 22.83 11.21 10.43
C ALA A 480 24.02 10.95 9.51
N GLU A 481 24.63 9.78 9.64
CA GLU A 481 25.74 9.39 8.74
C GLU A 481 25.29 9.37 7.28
N LEU A 482 24.07 8.89 7.03
CA LEU A 482 23.54 8.87 5.65
C LEU A 482 23.24 10.25 5.12
N VAL A 483 22.65 11.11 5.94
CA VAL A 483 22.35 12.48 5.51
C VAL A 483 23.66 13.21 5.25
N ASP A 484 24.61 13.09 6.17
CA ASP A 484 25.96 13.67 5.99
C ASP A 484 26.67 13.19 4.72
N TRP A 485 26.56 11.90 4.45
CA TRP A 485 27.17 11.30 3.24
C TRP A 485 26.57 11.95 1.98
N TYR A 486 25.24 12.04 1.93
CA TYR A 486 24.51 12.76 0.87
C TYR A 486 24.98 14.21 0.72
N LEU A 487 25.00 14.95 1.83
CA LEU A 487 25.37 16.36 1.78
C LEU A 487 26.82 16.58 1.31
N GLU A 488 27.70 15.69 1.75
CA GLU A 488 29.12 15.79 1.44
C GLU A 488 29.43 15.35 0.03
N THR A 489 28.89 14.20 -0.38
CA THR A 489 29.10 13.69 -1.74
C THR A 489 28.49 14.59 -2.81
N ALA A 490 27.39 15.27 -2.48
CA ALA A 490 26.74 16.21 -3.40
C ALA A 490 27.68 17.31 -3.90
N MET A 491 28.64 17.68 -3.05
CA MET A 491 29.52 18.83 -3.29
C MET A 491 30.98 18.43 -3.53
N GLN A 492 31.30 17.13 -3.46
CA GLN A 492 32.70 16.71 -3.58
C GLN A 492 33.20 16.67 -5.03
#